data_8U57
#
_entry.id   8U57
#
_cell.length_a   66.171
_cell.length_b   66.171
_cell.length_c   156.936
_cell.angle_alpha   90.00
_cell.angle_beta   90.00
_cell.angle_gamma   90.00
#
_symmetry.space_group_name_H-M   'P 43 21 2'
#
loop_
_entity.id
_entity.type
_entity.pdbx_description
1 polymer 'Peroxisome proliferator-activated receptor gamma'
2 non-polymer 'pentadecafluorooctanoic acid'
3 non-polymer (4S,5S)-1,2-DITHIANE-4,5-DIOL
4 water water
#
_entity_poly.entity_id   1
_entity_poly.type   'polypeptide(L)'
_entity_poly.pdbx_seq_one_letter_code
;MAHHHHHHVDDDDKMQLNPESADLRALAKHLYDSYIKSFPLTKAKARAILTGKTTDKSPFVIYDMNSLMMGEDKIKFKHI
TPLQEQSKEVAIRIFQG(CSO)QFRSVEAVQEITEYAKSIPGFVNLDLNDQVTLLKYGVHEIIYTMLASLMNKDGVLISE
GQGFMTREFLKSLRKPFGDFMEPKFEFAVKFNALELDDSDLAIFIAVIILSGDRPGLLNVKPIEDIQDNLLQALELQLKL
NHPESSQLFAKLLQKMTDLRQIVTEHVQLLQVIKKTETDMSLHPLLQEIYKDLY
;
_entity_poly.pdbx_strand_id   A
#
loop_
_chem_comp.id
_chem_comp.type
_chem_comp.name
_chem_comp.formula
8PF non-polymer 'pentadecafluorooctanoic acid' 'C8 H F15 O2'
D1D non-polymer (4S,5S)-1,2-DITHIANE-4,5-DIOL 'C4 H8 O2 S2'
#
# COMPACT_ATOMS: atom_id res chain seq x y z
N GLU A 20 24.32 0.99 17.64
CA GLU A 20 23.34 1.72 16.86
C GLU A 20 23.03 1.02 15.54
N SER A 21 24.06 0.85 14.71
CA SER A 21 23.87 0.21 13.41
C SER A 21 23.41 -1.22 13.56
N ALA A 22 23.97 -1.95 14.53
CA ALA A 22 23.50 -3.30 14.81
C ALA A 22 22.05 -3.28 15.28
N ASP A 23 21.68 -2.27 16.08
CA ASP A 23 20.29 -2.13 16.48
C ASP A 23 19.40 -1.79 15.29
N LEU A 24 19.92 -1.01 14.35
CA LEU A 24 19.14 -0.68 13.15
C LEU A 24 18.90 -1.92 12.28
N ARG A 25 19.86 -2.85 12.24
CA ARG A 25 19.64 -4.10 11.53
C ARG A 25 18.64 -4.99 12.27
N ALA A 26 18.67 -4.97 13.59
CA ALA A 26 17.70 -5.74 14.37
C ALA A 26 16.30 -5.16 14.19
N LEU A 27 16.19 -3.84 14.14
CA LEU A 27 14.89 -3.22 13.87
C LEU A 27 14.37 -3.61 12.49
N ALA A 28 15.26 -3.62 11.49
CA ALA A 28 14.85 -4.01 10.14
C ALA A 28 14.35 -5.45 10.10
N LYS A 29 15.02 -6.35 10.82
CA LYS A 29 14.60 -7.74 10.84
C LYS A 29 13.26 -7.91 11.55
N HIS A 30 13.07 -7.21 12.67
CA HIS A 30 11.80 -7.28 13.37
C HIS A 30 10.64 -6.82 12.50
N LEU A 31 10.84 -5.73 11.75
CA LEU A 31 9.78 -5.22 10.88
C LEU A 31 9.49 -6.20 9.75
N TYR A 32 10.52 -6.78 9.15
CA TYR A 32 10.31 -7.73 8.07
C TYR A 32 9.54 -8.96 8.56
N ASP A 33 9.93 -9.49 9.73
CA ASP A 33 9.24 -10.66 10.28
C ASP A 33 7.76 -10.36 10.52
N SER A 34 7.45 -9.18 11.07
CA SER A 34 6.07 -8.82 11.29
C SER A 34 5.34 -8.56 9.99
N TYR A 35 6.05 -7.97 9.01
CA TYR A 35 5.50 -7.73 7.69
C TYR A 35 5.06 -9.04 7.04
N ILE A 36 5.89 -10.08 7.14
CA ILE A 36 5.54 -11.38 6.56
C ILE A 36 4.28 -11.93 7.19
N LYS A 37 4.11 -11.73 8.50
CA LYS A 37 2.96 -12.29 9.19
C LYS A 37 1.68 -11.50 8.93
N SER A 38 1.79 -10.18 8.81
CA SER A 38 0.61 -9.33 8.71
C SER A 38 0.02 -9.28 7.31
N PHE A 39 0.81 -9.53 6.27
CA PHE A 39 0.33 -9.41 4.91
C PHE A 39 0.38 -10.77 4.23
N PRO A 40 -0.74 -11.25 3.67
CA PRO A 40 -0.77 -12.63 3.18
C PRO A 40 0.07 -12.85 1.94
N LEU A 41 0.10 -11.90 1.01
CA LEU A 41 0.80 -12.07 -0.26
C LEU A 41 1.92 -11.04 -0.35
N THR A 42 3.16 -11.49 -0.18
CA THR A 42 4.31 -10.61 -0.23
C THR A 42 4.66 -10.28 -1.69
N LYS A 43 5.56 -9.30 -1.85
CA LYS A 43 6.00 -8.95 -3.21
C LYS A 43 6.76 -10.10 -3.85
N ALA A 44 7.58 -10.82 -3.07
CA ALA A 44 8.36 -11.92 -3.62
C ALA A 44 7.45 -12.98 -4.24
N LYS A 45 6.39 -13.36 -3.53
CA LYS A 45 5.45 -14.32 -4.07
C LYS A 45 4.64 -13.72 -5.21
N ALA A 46 4.30 -12.43 -5.12
CA ALA A 46 3.54 -11.79 -6.18
C ALA A 46 4.32 -11.76 -7.49
N ARG A 47 5.60 -11.39 -7.44
CA ARG A 47 6.40 -11.33 -8.66
C ARG A 47 6.60 -12.71 -9.26
N ALA A 48 6.71 -13.75 -8.41
CA ALA A 48 6.86 -15.11 -8.92
C ALA A 48 5.61 -15.56 -9.66
N ILE A 49 4.43 -15.19 -9.17
CA ILE A 49 3.19 -15.48 -9.87
C ILE A 49 3.12 -14.68 -11.17
N LEU A 50 3.48 -13.40 -11.12
CA LEU A 50 3.37 -12.54 -12.29
C LEU A 50 4.31 -12.95 -13.40
N THR A 51 5.44 -13.58 -13.07
CA THR A 51 6.44 -13.95 -14.06
C THR A 51 6.34 -15.41 -14.49
N GLY A 52 5.52 -16.22 -13.83
CA GLY A 52 5.27 -17.60 -14.22
C GLY A 52 5.91 -18.63 -13.31
N LYS A 53 6.86 -18.23 -12.47
CA LYS A 53 7.52 -19.17 -11.57
C LYS A 53 6.60 -19.58 -10.43
N SER A 58 -1.19 -20.46 -10.45
CA SER A 58 -1.53 -19.67 -11.63
C SER A 58 -2.91 -19.02 -11.48
N PRO A 59 -3.01 -17.73 -11.83
CA PRO A 59 -4.26 -17.01 -11.62
C PRO A 59 -5.16 -17.00 -12.86
N PHE A 60 -6.45 -16.83 -12.59
CA PHE A 60 -7.44 -16.69 -13.66
C PHE A 60 -7.43 -15.25 -14.17
N VAL A 61 -7.32 -15.09 -15.49
CA VAL A 61 -7.16 -13.78 -16.10
C VAL A 61 -8.54 -13.23 -16.47
N ILE A 62 -8.87 -12.06 -15.92
CA ILE A 62 -10.08 -11.33 -16.28
C ILE A 62 -9.67 -10.22 -17.23
N TYR A 63 -9.98 -10.39 -18.52
CA TYR A 63 -9.61 -9.43 -19.54
C TYR A 63 -10.80 -8.87 -20.31
N ASP A 64 -12.01 -9.36 -20.05
CA ASP A 64 -13.20 -8.84 -20.71
C ASP A 64 -14.42 -9.23 -19.87
N MET A 65 -15.60 -8.85 -20.34
CA MET A 65 -16.83 -9.13 -19.61
C MET A 65 -17.06 -10.62 -19.45
N ASN A 66 -16.78 -11.40 -20.49
CA ASN A 66 -16.99 -12.85 -20.42
C ASN A 66 -16.10 -13.49 -19.37
N SER A 67 -14.81 -13.13 -19.35
CA SER A 67 -13.91 -13.73 -18.37
C SER A 67 -14.20 -13.24 -16.96
N LEU A 68 -14.73 -12.02 -16.82
CA LEU A 68 -15.11 -11.54 -15.49
C LEU A 68 -16.25 -12.37 -14.92
N MET A 69 -17.24 -12.69 -15.75
CA MET A 69 -18.34 -13.53 -15.29
C MET A 69 -17.87 -14.96 -15.02
N MET A 70 -17.01 -15.49 -15.90
CA MET A 70 -16.41 -16.79 -15.65
C MET A 70 -15.60 -16.80 -14.36
N GLY A 71 -14.84 -15.71 -14.11
CA GLY A 71 -14.03 -15.65 -12.92
C GLY A 71 -14.85 -15.48 -11.65
N GLU A 72 -15.97 -14.76 -11.72
CA GLU A 72 -16.87 -14.67 -10.58
C GLU A 72 -17.39 -16.05 -10.18
N ASP A 73 -17.55 -16.95 -11.15
CA ASP A 73 -17.98 -18.31 -10.87
C ASP A 73 -16.83 -19.21 -10.45
N LYS A 74 -15.59 -18.85 -10.78
CA LYS A 74 -14.43 -19.68 -10.48
C LYS A 74 -13.72 -19.29 -9.18
N ILE A 75 -13.90 -18.06 -8.70
CA ILE A 75 -13.23 -17.62 -7.49
C ILE A 75 -14.24 -17.14 -6.46
N GLU A 89 -24.99 -3.94 -11.43
CA GLU A 89 -24.16 -3.46 -12.53
C GLU A 89 -22.71 -3.90 -12.35
N VAL A 90 -22.05 -4.22 -13.46
CA VAL A 90 -20.71 -4.79 -13.40
C VAL A 90 -19.73 -3.82 -12.76
N ALA A 91 -19.75 -2.56 -13.22
CA ALA A 91 -18.82 -1.56 -12.68
C ALA A 91 -19.07 -1.32 -11.19
N ILE A 92 -20.33 -1.42 -10.75
CA ILE A 92 -20.63 -1.22 -9.33
C ILE A 92 -20.21 -2.46 -8.54
N ARG A 93 -20.43 -3.66 -9.10
CA ARG A 93 -20.02 -4.88 -8.43
C ARG A 93 -18.51 -4.89 -8.19
N ILE A 94 -17.73 -4.44 -9.18
CA ILE A 94 -16.29 -4.39 -9.02
C ILE A 94 -15.90 -3.36 -7.96
N PHE A 95 -16.50 -2.17 -8.03
CA PHE A 95 -16.12 -1.10 -7.12
C PHE A 95 -16.50 -1.45 -5.68
N GLN A 96 -17.68 -2.03 -5.47
CA GLN A 96 -18.07 -2.44 -4.13
C GLN A 96 -17.20 -3.56 -3.60
N GLY A 97 -16.77 -4.46 -4.48
CA GLY A 97 -15.91 -5.56 -4.10
C GLY A 97 -14.56 -5.12 -3.60
N CSO A 98 -13.93 -4.17 -4.27
N CSO A 98 -13.96 -4.14 -4.28
CA CSO A 98 -12.63 -3.66 -3.82
CA CSO A 98 -12.66 -3.64 -3.88
CB CSO A 98 -11.89 -2.94 -4.94
CB CSO A 98 -11.95 -2.94 -5.04
SG CSO A 98 -11.93 -3.92 -6.45
SG CSO A 98 -12.43 -1.20 -5.11
C CSO A 98 -12.79 -2.75 -2.61
C CSO A 98 -12.78 -2.71 -2.68
O CSO A 98 -11.84 -2.51 -1.88
O CSO A 98 -11.80 -2.40 -2.03
OD CSO A 98 -10.27 -4.28 -7.01
N GLN A 99 -14.01 -2.27 -2.39
CA GLN A 99 -14.27 -1.43 -1.24
C GLN A 99 -14.18 -2.27 0.02
N PHE A 100 -14.72 -3.50 -0.05
CA PHE A 100 -14.63 -4.43 1.07
C PHE A 100 -13.19 -4.93 1.25
N ARG A 101 -12.47 -5.14 0.14
CA ARG A 101 -11.11 -5.62 0.25
C ARG A 101 -10.18 -4.55 0.82
N SER A 102 -10.47 -3.28 0.55
CA SER A 102 -9.65 -2.22 1.12
C SER A 102 -9.86 -2.11 2.63
N VAL A 103 -11.09 -2.35 3.09
CA VAL A 103 -11.34 -2.36 4.53
C VAL A 103 -10.58 -3.49 5.20
N GLU A 104 -10.54 -4.66 4.56
CA GLU A 104 -9.73 -5.75 5.07
C GLU A 104 -8.25 -5.40 5.03
N ALA A 105 -7.81 -4.62 4.04
CA ALA A 105 -6.43 -4.16 4.00
C ALA A 105 -6.12 -3.24 5.16
N VAL A 106 -7.08 -2.37 5.53
CA VAL A 106 -6.92 -1.53 6.71
C VAL A 106 -6.65 -2.37 7.95
N GLN A 107 -7.34 -3.51 8.06
CA GLN A 107 -7.15 -4.41 9.19
C GLN A 107 -5.72 -4.94 9.22
N GLU A 108 -5.21 -5.40 8.07
CA GLU A 108 -3.85 -5.91 8.01
C GLU A 108 -2.83 -4.83 8.35
N ILE A 109 -3.03 -3.62 7.84
CA ILE A 109 -2.10 -2.53 8.10
C ILE A 109 -2.12 -2.15 9.57
N THR A 110 -3.30 -2.16 10.19
CA THR A 110 -3.39 -1.87 11.63
C THR A 110 -2.62 -2.90 12.43
N GLU A 111 -2.74 -4.18 12.06
CA GLU A 111 -1.99 -5.22 12.74
C GLU A 111 -0.48 -5.01 12.60
N TYR A 112 -0.03 -4.58 11.42
CA TYR A 112 1.40 -4.33 11.23
C TYR A 112 1.86 -3.11 12.02
N ALA A 113 1.04 -2.05 12.04
CA ALA A 113 1.42 -0.84 12.75
C ALA A 113 1.64 -1.10 14.23
N LYS A 114 0.81 -1.96 14.83
CA LYS A 114 0.93 -2.25 16.25
C LYS A 114 2.20 -3.02 16.58
N SER A 115 2.85 -3.62 15.58
CA SER A 115 4.11 -4.31 15.80
C SER A 115 5.33 -3.40 15.63
N ILE A 116 5.14 -2.17 15.18
CA ILE A 116 6.25 -1.23 15.05
C ILE A 116 6.66 -0.80 16.45
N PRO A 117 7.92 -0.99 16.84
CA PRO A 117 8.33 -0.70 18.22
C PRO A 117 8.03 0.74 18.62
N GLY A 118 7.35 0.89 19.76
CA GLY A 118 6.95 2.18 20.25
C GLY A 118 5.56 2.63 19.85
N PHE A 119 4.95 1.98 18.85
CA PHE A 119 3.66 2.45 18.34
C PHE A 119 2.56 2.30 19.39
N VAL A 120 2.48 1.15 20.05
CA VAL A 120 1.42 0.92 21.01
C VAL A 120 1.59 1.76 22.27
N ASN A 121 2.78 2.29 22.51
CA ASN A 121 3.00 3.18 23.64
C ASN A 121 2.55 4.60 23.37
N LEU A 122 2.24 4.93 22.12
CA LEU A 122 1.69 6.26 21.82
C LEU A 122 0.25 6.34 22.31
N ASP A 123 -0.22 7.57 22.49
CA ASP A 123 -1.62 7.80 22.85
C ASP A 123 -2.53 7.20 21.78
N LEU A 124 -3.58 6.51 22.24
CA LEU A 124 -4.45 5.80 21.32
C LEU A 124 -5.07 6.73 20.28
N ASN A 125 -5.36 7.97 20.66
CA ASN A 125 -5.86 8.93 19.67
C ASN A 125 -4.82 9.19 18.59
N ASP A 126 -3.53 9.13 18.94
CA ASP A 126 -2.49 9.32 17.94
C ASP A 126 -2.30 8.08 17.08
N GLN A 127 -2.44 6.89 17.67
CA GLN A 127 -2.41 5.66 16.89
C GLN A 127 -3.52 5.65 15.83
N VAL A 128 -4.73 6.06 16.23
CA VAL A 128 -5.85 6.08 15.29
C VAL A 128 -5.63 7.14 14.23
N THR A 129 -5.11 8.30 14.62
CA THR A 129 -4.85 9.36 13.66
C THR A 129 -3.79 8.95 12.65
N LEU A 130 -2.71 8.31 13.10
CA LEU A 130 -1.67 7.88 12.18
C LEU A 130 -2.20 6.84 11.18
N LEU A 131 -3.04 5.92 11.65
CA LEU A 131 -3.61 4.92 10.76
C LEU A 131 -4.63 5.55 9.80
N LYS A 132 -5.47 6.44 10.31
CA LYS A 132 -6.54 7.03 9.49
C LYS A 132 -5.97 7.81 8.31
N TYR A 133 -4.90 8.56 8.53
CA TYR A 133 -4.33 9.38 7.47
C TYR A 133 -3.24 8.67 6.68
N GLY A 134 -2.91 7.43 7.02
CA GLY A 134 -1.80 6.75 6.37
C GLY A 134 -2.13 5.46 5.65
N VAL A 135 -3.28 4.85 5.95
CA VAL A 135 -3.57 3.52 5.43
C VAL A 135 -3.63 3.53 3.91
N HIS A 136 -4.20 4.59 3.32
CA HIS A 136 -4.33 4.62 1.87
C HIS A 136 -2.98 4.80 1.19
N GLU A 137 -2.07 5.56 1.79
CA GLU A 137 -0.71 5.64 1.25
C GLU A 137 -0.04 4.28 1.31
N ILE A 138 -0.30 3.51 2.37
CA ILE A 138 0.27 2.17 2.48
C ILE A 138 -0.39 1.23 1.49
N ILE A 139 -1.71 1.34 1.32
CA ILE A 139 -2.43 0.47 0.41
C ILE A 139 -1.87 0.59 -1.01
N TYR A 140 -1.62 1.83 -1.45
CA TYR A 140 -1.13 2.04 -2.81
C TYR A 140 0.33 1.62 -2.97
N THR A 141 1.13 1.74 -1.90
CA THR A 141 2.49 1.20 -1.95
C THR A 141 2.46 -0.31 -2.10
N MET A 142 1.67 -1.00 -1.28
CA MET A 142 1.59 -2.46 -1.34
C MET A 142 0.88 -2.94 -2.59
N LEU A 143 -0.09 -2.17 -3.10
CA LEU A 143 -0.75 -2.53 -4.34
C LEU A 143 0.24 -2.63 -5.49
N ALA A 144 1.25 -1.76 -5.49
CA ALA A 144 2.26 -1.78 -6.56
C ALA A 144 2.95 -3.14 -6.67
N SER A 145 3.15 -3.81 -5.53
CA SER A 145 3.73 -5.16 -5.54
C SER A 145 2.88 -6.15 -6.33
N LEU A 146 1.58 -5.88 -6.46
CA LEU A 146 0.67 -6.78 -7.16
C LEU A 146 0.44 -6.41 -8.61
N MET A 147 1.01 -5.29 -9.08
CA MET A 147 0.75 -4.81 -10.43
C MET A 147 1.98 -4.92 -11.32
N ASN A 148 1.71 -5.10 -12.61
CA ASN A 148 2.67 -4.75 -13.65
C ASN A 148 1.95 -3.86 -14.65
N LYS A 149 2.58 -3.57 -15.79
CA LYS A 149 1.95 -2.67 -16.75
C LYS A 149 0.68 -3.27 -17.37
N ASP A 150 0.43 -4.57 -17.20
CA ASP A 150 -0.71 -5.21 -17.84
C ASP A 150 -1.91 -5.40 -16.93
N GLY A 151 -1.74 -5.36 -15.61
CA GLY A 151 -2.86 -5.60 -14.71
C GLY A 151 -2.39 -5.82 -13.29
N VAL A 152 -3.30 -6.32 -12.48
CA VAL A 152 -3.09 -6.42 -11.03
C VAL A 152 -3.61 -7.76 -10.53
N LEU A 153 -2.86 -8.38 -9.62
CA LEU A 153 -3.29 -9.60 -8.97
C LEU A 153 -4.39 -9.30 -7.95
N ILE A 154 -5.43 -10.14 -7.94
CA ILE A 154 -6.56 -9.97 -7.04
C ILE A 154 -6.82 -11.29 -6.33
N SER A 155 -7.55 -11.19 -5.22
CA SER A 155 -7.99 -12.35 -4.43
C SER A 155 -6.80 -13.23 -4.03
N GLU A 156 -5.82 -12.59 -3.40
CA GLU A 156 -4.61 -13.26 -2.91
C GLU A 156 -3.91 -14.04 -4.02
N GLY A 157 -3.87 -13.44 -5.21
CA GLY A 157 -3.19 -14.05 -6.33
C GLY A 157 -3.99 -15.09 -7.10
N GLN A 158 -5.24 -15.33 -6.72
CA GLN A 158 -6.08 -16.26 -7.47
C GLN A 158 -6.53 -15.70 -8.81
N GLY A 159 -6.59 -14.37 -8.95
CA GLY A 159 -7.03 -13.75 -10.17
C GLY A 159 -6.07 -12.66 -10.62
N PHE A 160 -6.22 -12.25 -11.88
CA PHE A 160 -5.43 -11.19 -12.48
C PHE A 160 -6.36 -10.39 -13.38
N MET A 161 -6.64 -9.14 -13.01
CA MET A 161 -7.54 -8.29 -13.77
C MET A 161 -6.74 -7.28 -14.57
N THR A 162 -6.97 -7.24 -15.88
CA THR A 162 -6.11 -6.45 -16.74
C THR A 162 -6.37 -4.96 -16.57
N ARG A 163 -5.34 -4.17 -16.85
CA ARG A 163 -5.41 -2.72 -16.75
C ARG A 163 -6.41 -2.15 -17.74
N GLU A 164 -6.46 -2.71 -18.96
CA GLU A 164 -7.34 -2.16 -19.98
C GLU A 164 -8.80 -2.54 -19.74
N PHE A 165 -9.07 -3.68 -19.11
CA PHE A 165 -10.45 -3.99 -18.76
C PHE A 165 -10.97 -3.02 -17.70
N LEU A 166 -10.13 -2.67 -16.72
CA LEU A 166 -10.53 -1.68 -15.73
C LEU A 166 -10.77 -0.32 -16.36
N LYS A 167 -10.00 0.02 -17.39
CA LYS A 167 -10.22 1.29 -18.08
C LYS A 167 -11.48 1.28 -18.93
N SER A 168 -11.96 0.09 -19.33
CA SER A 168 -13.15 -0.02 -20.15
C SER A 168 -14.44 0.12 -19.35
N LEU A 169 -14.37 0.07 -18.03
CA LEU A 169 -15.56 0.28 -17.20
C LEU A 169 -16.10 1.69 -17.42
N ARG A 170 -17.42 1.82 -17.34
CA ARG A 170 -18.06 3.08 -17.64
C ARG A 170 -17.60 4.17 -16.68
N LYS A 171 -17.69 5.42 -17.14
CA LYS A 171 -17.29 6.55 -16.32
C LYS A 171 -18.23 6.67 -15.11
N PRO A 172 -17.71 7.10 -13.95
CA PRO A 172 -16.33 7.49 -13.68
C PRO A 172 -15.47 6.34 -13.17
N PHE A 173 -15.94 5.10 -13.32
CA PHE A 173 -15.22 3.95 -12.77
C PHE A 173 -14.01 3.55 -13.60
N GLY A 174 -13.91 4.02 -14.85
CA GLY A 174 -12.80 3.64 -15.70
C GLY A 174 -11.49 4.33 -15.39
N ASP A 175 -11.52 5.41 -14.62
CA ASP A 175 -10.32 6.15 -14.26
C ASP A 175 -9.94 5.94 -12.80
N PHE A 176 -10.58 4.99 -12.12
CA PHE A 176 -10.44 4.86 -10.68
C PHE A 176 -9.16 4.10 -10.29
N MET A 177 -8.66 3.23 -11.17
CA MET A 177 -7.42 2.52 -10.90
C MET A 177 -6.23 3.04 -11.70
N GLU A 178 -6.47 3.81 -12.76
CA GLU A 178 -5.39 4.27 -13.63
C GLU A 178 -4.27 5.00 -12.90
N PRO A 179 -4.53 5.99 -12.04
CA PRO A 179 -3.41 6.65 -11.34
C PRO A 179 -2.60 5.70 -10.48
N LYS A 180 -3.18 4.58 -10.04
CA LYS A 180 -2.44 3.62 -9.23
C LYS A 180 -1.48 2.80 -10.09
N PHE A 181 -1.94 2.40 -11.29
CA PHE A 181 -1.03 1.73 -12.22
C PHE A 181 0.12 2.63 -12.62
N GLU A 182 -0.16 3.92 -12.85
CA GLU A 182 0.88 4.86 -13.23
C GLU A 182 1.94 4.97 -12.14
N PHE A 183 1.51 5.10 -10.88
CA PHE A 183 2.46 5.16 -9.78
C PHE A 183 3.23 3.85 -9.65
N ALA A 184 2.55 2.72 -9.82
CA ALA A 184 3.17 1.43 -9.58
C ALA A 184 4.29 1.14 -10.57
N VAL A 185 4.05 1.43 -11.86
CA VAL A 185 5.07 1.14 -12.87
C VAL A 185 6.36 1.89 -12.56
N LYS A 186 6.25 3.16 -12.17
CA LYS A 186 7.44 3.92 -11.81
C LYS A 186 8.02 3.47 -10.48
N PHE A 187 7.16 3.23 -9.49
CA PHE A 187 7.64 2.75 -8.19
C PHE A 187 8.33 1.40 -8.31
N ASN A 188 7.77 0.49 -9.10
CA ASN A 188 8.36 -0.83 -9.27
C ASN A 188 9.70 -0.78 -9.99
N ALA A 189 9.97 0.30 -10.72
CA ALA A 189 11.29 0.45 -11.36
C ALA A 189 12.40 0.58 -10.33
N LEU A 190 12.09 0.99 -9.10
CA LEU A 190 13.08 1.06 -8.05
C LEU A 190 13.50 -0.32 -7.55
N GLU A 191 12.71 -1.35 -7.85
CA GLU A 191 13.07 -2.75 -7.57
C GLU A 191 13.30 -3.01 -6.09
N LEU A 192 12.46 -2.40 -5.23
CA LEU A 192 12.50 -2.71 -3.82
C LEU A 192 12.07 -4.16 -3.57
N ASP A 193 12.58 -4.73 -2.49
CA ASP A 193 12.10 -6.04 -2.04
C ASP A 193 11.32 -5.89 -0.73
N ASP A 194 10.86 -7.02 -0.20
CA ASP A 194 9.99 -6.99 0.96
C ASP A 194 10.72 -6.41 2.18
N SER A 195 12.02 -6.70 2.31
CA SER A 195 12.77 -6.17 3.44
C SER A 195 12.89 -4.65 3.37
N ASP A 196 13.01 -4.10 2.15
CA ASP A 196 12.98 -2.64 2.01
C ASP A 196 11.59 -2.09 2.32
N LEU A 197 10.55 -2.74 1.80
CA LEU A 197 9.19 -2.22 1.92
C LEU A 197 8.71 -2.20 3.37
N ALA A 198 9.11 -3.18 4.18
CA ALA A 198 8.67 -3.23 5.56
C ALA A 198 9.07 -1.98 6.33
N ILE A 199 10.30 -1.50 6.11
CA ILE A 199 10.75 -0.29 6.78
C ILE A 199 10.10 0.93 6.15
N PHE A 200 10.05 0.98 4.82
CA PHE A 200 9.44 2.10 4.12
C PHE A 200 8.01 2.33 4.58
N ILE A 201 7.24 1.26 4.75
CA ILE A 201 5.85 1.38 5.19
C ILE A 201 5.78 1.92 6.61
N ALA A 202 6.69 1.46 7.48
CA ALA A 202 6.72 1.95 8.85
C ALA A 202 7.05 3.44 8.90
N VAL A 203 7.93 3.90 8.01
CA VAL A 203 8.27 5.33 7.96
C VAL A 203 7.04 6.16 7.63
N ILE A 204 6.25 5.70 6.65
CA ILE A 204 5.06 6.45 6.25
C ILE A 204 4.05 6.52 7.38
N ILE A 205 3.86 5.41 8.12
CA ILE A 205 2.87 5.39 9.18
C ILE A 205 3.24 6.37 10.29
N LEU A 206 4.52 6.42 10.64
CA LEU A 206 4.98 7.29 11.73
C LEU A 206 5.27 8.71 11.22
N SER A 207 4.30 9.28 10.53
CA SER A 207 4.40 10.64 10.00
C SER A 207 3.94 11.62 11.07
N GLY A 208 4.85 12.41 11.61
CA GLY A 208 4.53 13.33 12.68
C GLY A 208 3.75 14.56 12.26
N ASP A 209 3.42 14.70 10.97
CA ASP A 209 2.73 15.87 10.47
C ASP A 209 1.29 15.59 10.10
N ARG A 210 0.69 14.53 10.64
CA ARG A 210 -0.73 14.30 10.42
C ARG A 210 -1.55 15.22 11.33
N PRO A 211 -2.66 15.75 10.82
CA PRO A 211 -3.46 16.69 11.64
C PRO A 211 -4.13 15.99 12.80
N GLY A 212 -4.10 16.65 13.96
CA GLY A 212 -4.77 16.16 15.14
C GLY A 212 -3.89 15.38 16.09
N LEU A 213 -2.59 15.30 15.85
CA LEU A 213 -1.71 14.56 16.74
C LEU A 213 -1.51 15.31 18.04
N LEU A 214 -1.47 14.57 19.15
CA LEU A 214 -1.31 15.16 20.47
C LEU A 214 0.16 15.32 20.85
N ASN A 215 0.98 14.30 20.60
CA ASN A 215 2.39 14.30 20.98
C ASN A 215 3.22 14.02 19.73
N VAL A 216 3.69 15.09 19.08
CA VAL A 216 4.39 14.96 17.81
C VAL A 216 5.82 14.46 18.04
N LYS A 217 6.46 14.90 19.12
CA LYS A 217 7.86 14.55 19.36
C LYS A 217 8.11 13.05 19.45
N PRO A 218 7.34 12.27 20.21
CA PRO A 218 7.62 10.81 20.24
C PRO A 218 7.39 10.13 18.90
N ILE A 219 6.47 10.63 18.08
CA ILE A 219 6.28 10.06 16.75
C ILE A 219 7.49 10.37 15.87
N GLU A 220 7.98 11.61 15.92
CA GLU A 220 9.14 11.99 15.13
C GLU A 220 10.40 11.24 15.59
N ASP A 221 10.48 10.92 16.88
CA ASP A 221 11.63 10.15 17.36
C ASP A 221 11.63 8.75 16.79
N ILE A 222 10.45 8.11 16.70
CA ILE A 222 10.38 6.78 16.12
C ILE A 222 10.70 6.83 14.63
N GLN A 223 10.15 7.82 13.91
CA GLN A 223 10.36 7.88 12.46
C GLN A 223 11.84 8.13 12.13
N ASP A 224 12.50 8.97 12.90
CA ASP A 224 13.93 9.22 12.66
C ASP A 224 14.73 7.94 12.77
N ASN A 225 14.44 7.12 13.79
CA ASN A 225 15.08 5.82 13.91
C ASN A 225 14.73 4.92 12.74
N LEU A 226 13.47 4.92 12.31
CA LEU A 226 13.08 4.13 11.16
C LEU A 226 13.77 4.63 9.89
N LEU A 227 13.95 5.94 9.77
CA LEU A 227 14.60 6.50 8.60
C LEU A 227 16.08 6.10 8.54
N GLN A 228 16.75 6.06 9.69
CA GLN A 228 18.13 5.57 9.71
C GLN A 228 18.18 4.09 9.36
N ALA A 229 17.21 3.32 9.85
CA ALA A 229 17.17 1.89 9.51
C ALA A 229 16.93 1.69 8.03
N LEU A 230 16.08 2.53 7.43
CA LEU A 230 15.81 2.43 5.99
C LEU A 230 17.04 2.81 5.17
N GLU A 231 17.73 3.89 5.55
CA GLU A 231 18.91 4.30 4.80
C GLU A 231 20.00 3.24 4.87
N LEU A 232 20.22 2.66 6.05
CA LEU A 232 21.19 1.58 6.16
C LEU A 232 20.76 0.36 5.36
N GLN A 233 19.47 0.04 5.38
CA GLN A 233 18.97 -1.10 4.63
C GLN A 233 19.19 -0.92 3.13
N LEU A 234 18.90 0.26 2.60
CA LEU A 234 19.05 0.48 1.16
C LEU A 234 20.51 0.48 0.74
N LYS A 235 21.40 0.99 1.60
CA LYS A 235 22.83 0.99 1.28
C LYS A 235 23.37 -0.44 1.20
N LEU A 236 22.96 -1.31 2.12
CA LEU A 236 23.44 -2.68 2.10
C LEU A 236 22.79 -3.49 0.98
N ASN A 237 21.49 -3.28 0.75
CA ASN A 237 20.72 -4.14 -0.14
C ASN A 237 20.80 -3.73 -1.61
N HIS A 238 21.17 -2.49 -1.90
CA HIS A 238 21.21 -1.97 -3.26
C HIS A 238 22.55 -1.30 -3.54
N PRO A 239 23.61 -2.08 -3.70
CA PRO A 239 24.95 -1.49 -3.89
C PRO A 239 25.09 -0.68 -5.17
N GLU A 240 24.19 -0.85 -6.14
CA GLU A 240 24.31 -0.15 -7.42
C GLU A 240 23.28 0.96 -7.59
N SER A 241 22.52 1.29 -6.55
CA SER A 241 21.52 2.35 -6.60
C SER A 241 21.88 3.40 -5.55
N SER A 242 22.69 4.38 -5.95
CA SER A 242 23.25 5.32 -4.98
C SER A 242 22.23 6.32 -4.48
N GLN A 243 21.24 6.69 -5.30
CA GLN A 243 20.25 7.69 -4.93
C GLN A 243 18.89 7.07 -4.63
N LEU A 244 18.87 5.81 -4.19
CA LEU A 244 17.60 5.13 -3.93
C LEU A 244 16.88 5.74 -2.72
N PHE A 245 17.63 6.09 -1.67
CA PHE A 245 17.01 6.66 -0.48
C PHE A 245 16.32 7.98 -0.79
N ALA A 246 16.98 8.83 -1.58
CA ALA A 246 16.39 10.12 -1.92
C ALA A 246 15.16 9.94 -2.82
N LYS A 247 15.21 8.99 -3.74
CA LYS A 247 14.05 8.72 -4.58
C LYS A 247 12.87 8.22 -3.77
N LEU A 248 13.14 7.44 -2.71
CA LEU A 248 12.04 6.93 -1.89
C LEU A 248 11.38 8.03 -1.07
N LEU A 249 12.18 9.00 -0.59
CA LEU A 249 11.60 10.13 0.12
C LEU A 249 10.65 10.92 -0.78
N GLN A 250 11.00 11.03 -2.06
CA GLN A 250 10.14 11.72 -3.01
C GLN A 250 8.89 10.91 -3.32
N LYS A 251 8.98 9.58 -3.27
CA LYS A 251 7.79 8.75 -3.45
C LYS A 251 6.77 8.97 -2.34
N MET A 252 7.24 9.24 -1.11
CA MET A 252 6.31 9.49 -0.02
C MET A 252 5.46 10.72 -0.30
N THR A 253 6.04 11.73 -0.94
CA THR A 253 5.27 12.90 -1.33
C THR A 253 4.31 12.56 -2.46
N ASP A 254 4.76 11.76 -3.43
CA ASP A 254 3.88 11.33 -4.52
C ASP A 254 2.65 10.61 -4.00
N LEU A 255 2.82 9.79 -2.95
CA LEU A 255 1.70 9.01 -2.43
C LEU A 255 0.62 9.91 -1.86
N ARG A 256 1.01 11.03 -1.23
CA ARG A 256 0.03 11.96 -0.71
C ARG A 256 -0.78 12.58 -1.85
N GLN A 257 -0.14 12.87 -2.98
CA GLN A 257 -0.86 13.41 -4.12
C GLN A 257 -1.82 12.38 -4.71
N ILE A 258 -1.42 11.11 -4.74
CA ILE A 258 -2.30 10.06 -5.25
C ILE A 258 -3.53 9.94 -4.36
N VAL A 259 -3.36 10.05 -3.05
CA VAL A 259 -4.50 9.96 -2.14
C VAL A 259 -5.44 11.14 -2.34
N THR A 260 -4.89 12.34 -2.47
CA THR A 260 -5.71 13.53 -2.73
C THR A 260 -6.51 13.36 -4.01
N GLU A 261 -5.86 12.93 -5.09
CA GLU A 261 -6.56 12.67 -6.34
C GLU A 261 -7.63 11.60 -6.17
N HIS A 262 -7.36 10.60 -5.33
CA HIS A 262 -8.31 9.51 -5.15
C HIS A 262 -9.57 9.96 -4.41
N VAL A 263 -9.41 10.78 -3.35
CA VAL A 263 -10.58 11.20 -2.59
C VAL A 263 -11.41 12.20 -3.37
N GLN A 264 -10.79 12.99 -4.24
CA GLN A 264 -11.57 13.88 -5.10
C GLN A 264 -12.38 13.08 -6.11
N LEU A 265 -11.78 12.05 -6.70
CA LEU A 265 -12.53 11.19 -7.62
C LEU A 265 -13.67 10.47 -6.91
N LEU A 266 -13.49 10.13 -5.64
CA LEU A 266 -14.56 9.50 -4.88
C LEU A 266 -15.62 10.51 -4.44
N GLN A 267 -15.29 11.80 -4.39
CA GLN A 267 -16.31 12.80 -4.12
C GLN A 267 -17.28 12.91 -5.29
N VAL A 268 -16.81 12.70 -6.53
CA VAL A 268 -17.69 12.76 -7.68
C VAL A 268 -18.60 11.55 -7.73
N ILE A 269 -18.18 10.41 -7.17
CA ILE A 269 -18.98 9.21 -7.20
C ILE A 269 -20.11 9.30 -6.18
N LEU A 278 -21.38 3.14 -0.42
CA LEU A 278 -20.13 3.51 0.24
C LEU A 278 -20.01 2.85 1.62
N HIS A 279 -18.87 2.21 1.86
CA HIS A 279 -18.68 1.50 3.12
C HIS A 279 -18.57 2.51 4.26
N PRO A 280 -19.25 2.28 5.38
CA PRO A 280 -19.28 3.30 6.44
C PRO A 280 -17.92 3.55 7.09
N LEU A 281 -17.05 2.55 7.16
CA LEU A 281 -15.73 2.77 7.74
C LEU A 281 -14.88 3.66 6.83
N LEU A 282 -14.92 3.41 5.53
CA LEU A 282 -14.16 4.25 4.60
C LEU A 282 -14.66 5.68 4.59
N GLN A 283 -15.97 5.88 4.74
CA GLN A 283 -16.50 7.23 4.79
C GLN A 283 -15.97 7.99 6.00
N GLU A 284 -15.71 7.29 7.11
CA GLU A 284 -15.11 7.93 8.27
C GLU A 284 -13.71 8.45 7.94
N ILE A 285 -12.94 7.68 7.18
CA ILE A 285 -11.60 8.12 6.77
C ILE A 285 -11.71 9.21 5.72
N TYR A 286 -12.62 9.06 4.76
CA TYR A 286 -12.72 9.99 3.65
C TYR A 286 -13.24 11.36 4.11
N LYS A 287 -14.10 11.38 5.13
CA LYS A 287 -14.61 12.65 5.64
C LYS A 287 -13.52 13.57 6.16
N ASP A 288 -12.36 13.01 6.53
CA ASP A 288 -11.25 13.78 7.05
C ASP A 288 -10.13 13.99 6.04
N LEU A 289 -10.22 13.40 4.85
CA LEU A 289 -9.24 13.63 3.80
C LEU A 289 -9.75 14.54 2.69
N TYR A 290 -11.04 14.86 2.68
CA TYR A 290 -11.63 15.69 1.63
C TYR A 290 -11.01 17.08 1.60
C13 8PF B . -9.35 2.18 13.59
C16 8PF B . -8.88 2.56 12.20
C19 8PF B . -10.07 2.96 11.33
C10 8PF B . -8.34 1.22 14.22
C22 8PF B . -10.15 4.48 11.25
F01 8PF B . -9.47 2.09 16.11
C02 8PF B . -8.51 1.20 15.75
F03 8PF B . -7.33 1.55 16.34
C04 8PF B . -8.91 -0.20 16.22
F05 8PF B . -9.65 -0.09 17.37
F06 8PF B . -9.67 -0.80 15.26
C07 8PF B . -7.68 -1.05 16.50
O08 8PF B . -7.47 -2.10 15.85
O09 8PF B . -6.86 -0.68 17.39
F11 8PF B . -7.08 1.65 13.93
F12 8PF B . -8.52 -0.03 13.71
F14 8PF B . -9.44 3.32 14.35
F15 8PF B . -10.56 1.57 13.54
F17 8PF B . -8.01 3.60 12.27
F18 8PF B . -8.25 1.49 11.62
F20 8PF B . -11.24 2.49 11.87
F21 8PF B . -9.92 2.45 10.07
F23 8PF B . -11.16 4.85 10.41
F24 8PF B . -8.97 4.98 10.79
F25 8PF B . -10.40 4.99 12.50
C13 8PF C . -12.64 -8.39 -7.24
C16 8PF C . -14.12 -8.78 -7.07
C19 8PF C . -14.80 -8.87 -8.43
C10 8PF C . -12.12 -7.53 -6.07
C22 8PF C . -16.29 -9.14 -8.21
F01 8PF C . -13.28 -8.80 -4.36
C02 8PF C . -12.10 -8.20 -4.68
F03 8PF C . -11.89 -7.21 -3.78
C04 8PF C . -10.96 -9.21 -4.52
F05 8PF C . -9.77 -8.56 -4.52
F06 8PF C . -10.98 -10.13 -5.53
C07 8PF C . -11.16 -9.94 -3.19
O08 8PF C . -12.14 -10.71 -3.04
O09 8PF C . -10.34 -9.76 -2.25
F11 8PF C . -10.84 -7.15 -6.37
F12 8PF C . -12.89 -6.41 -5.99
F14 8PF C . -12.52 -7.66 -8.38
F15 8PF C . -11.89 -9.53 -7.36
F17 8PF C . -14.18 -9.99 -6.46
F18 8PF C . -14.75 -7.85 -6.30
F20 8PF C . -14.65 -7.69 -9.11
F21 8PF C . -14.25 -9.89 -9.16
F23 8PF C . -16.79 -8.24 -7.32
F24 8PF C . -16.45 -10.40 -7.72
F25 8PF C . -16.96 -9.03 -9.40
C13 8PF D . -7.79 -2.18 -3.89
C16 8PF D . -7.75 -0.70 -3.46
C19 8PF D . -8.95 0.05 -4.04
C10 8PF D . -6.83 -2.94 -2.98
C22 8PF D . -9.00 1.45 -3.44
F01 8PF D . -5.31 -4.62 -3.62
C02 8PF D . -6.61 -4.44 -3.28
F03 8PF D . -6.84 -5.14 -2.13
C04 8PF D . -7.45 -5.09 -4.39
F05 8PF D . -8.79 -5.03 -4.08
F06 8PF D . -7.21 -4.48 -5.59
C07 8PF D . -7.03 -6.55 -4.50
O08 8PF D . -7.77 -7.46 -4.06
O09 8PF D . -5.92 -6.82 -5.03
F11 8PF D . -7.31 -2.85 -1.70
F12 8PF D . -5.62 -2.33 -3.04
F14 8PF D . -9.06 -2.64 -3.74
F15 8PF D . -7.41 -2.26 -5.20
F17 8PF D . -7.82 -0.64 -2.11
F18 8PF D . -6.59 -0.14 -3.89
F20 8PF D . -8.79 0.14 -5.40
F21 8PF D . -10.10 -0.61 -3.75
F23 8PF D . -10.24 1.98 -3.65
F24 8PF D . -8.77 1.36 -2.09
F25 8PF D . -8.06 2.25 -4.01
S1 D1D E . -2.76 -3.70 0.93
C1 D1D E . -1.92 -4.97 1.56
C2 D1D E . -2.47 -6.43 1.02
O2 D1D E . -2.94 -7.05 1.94
C3 D1D E . -3.74 -6.25 -0.27
O3 D1D E . -4.01 -7.34 -0.73
C4 D1D E . -3.22 -5.29 -1.47
S4 D1D E . -2.86 -3.76 -0.90
C13 8PF F . -10.94 4.38 11.85
C16 8PF F . -9.53 3.78 11.89
C19 8PF F . -9.50 2.53 12.78
C10 8PF F . -11.14 5.39 12.98
C22 8PF F . -8.46 1.55 12.24
F01 8PF F . -12.97 6.59 12.09
C02 8PF F . -12.62 5.73 13.10
F03 8PF F . -13.37 4.59 13.01
C04 8PF F . -12.87 6.41 14.44
F05 8PF F . -12.86 5.46 15.43
F06 8PF F . -11.90 7.32 14.69
C07 8PF F . -14.24 7.09 14.43
O08 8PF F . -14.73 7.52 15.50
O09 8PF F . -14.86 7.23 13.35
F11 8PF F . -10.43 6.52 12.71
F12 8PF F . -10.72 4.86 14.17
F14 8PF F . -11.87 3.39 11.95
F15 8PF F . -11.10 5.02 10.65
F17 8PF F . -9.13 3.44 10.63
F18 8PF F . -8.65 4.71 12.39
F20 8PF F . -10.72 1.94 12.80
F21 8PF F . -9.14 2.90 14.04
F23 8PF F . -8.19 0.61 13.19
F24 8PF F . -7.32 2.21 11.90
F25 8PF F . -8.98 0.93 11.13
#